data_3DO3
#
_entry.id   3DO3
#
_cell.length_a   50.2053
_cell.length_b   80.2157
_cell.length_c   138.7493
_cell.angle_alpha   90.0
_cell.angle_beta   90.0
_cell.angle_gamma   90.0
#
_symmetry.space_group_name_H-M   'P 21 21 21'
#
loop_
_entity.id
_entity.type
_entity.pdbx_description
1 polymer 'Ig gamma-1 chain C region'
2 branched beta-D-galactopyranose-(1-4)-2-acetamido-2-deoxy-beta-D-glucopyranose-(1-2)-alpha-D-mannopyranose-(1-6)-[2-acetamido-2-deoxy-beta-D-glucopyranose-(1-2)-alpha-D-mannopyranose-(1-3)]beta-D-mannopyranose-(1-4)-2-acetamido-2-deoxy-beta-D-glucopyranose-(1-4)-[beta-L-fucopyranose-(1-6)]2-acetamido-2-deoxy-beta-D-glucopyranose
3 water water
#
_entity_poly.entity_id   1
_entity_poly.type   'polypeptide(L)'
_entity_poly.pdbx_seq_one_letter_code
;GGPSVFLFPPKPKDTLMISRTPEVTCVVVDVSHEDPEVKFNWYVDGVEVHNAKTKPREEQYNSTYRVVSVLTVLHQDWLN
GKEYKCKVSNKALPAPIEKTISKAKGQPREPQVYTLPPSREEMTKNQVSLTCLVKGFYPSDIAVEWESNGQPENNYKTTP
PVLDSDGSFFLYSKLTVDKSRWQQGNVFSCSVMHEALHNHYTQKSLSLSPGK
;
_entity_poly.pdbx_strand_id   A,B
#
loop_
_chem_comp.id
_chem_comp.type
_chem_comp.name
_chem_comp.formula
BMA D-saccharide, beta linking beta-D-mannopyranose 'C6 H12 O6'
FUL L-saccharide, beta linking beta-L-fucopyranose 'C6 H12 O5'
GAL D-saccharide, beta linking beta-D-galactopyranose 'C6 H12 O6'
MAN D-saccharide, alpha linking alpha-D-mannopyranose 'C6 H12 O6'
NAG D-saccharide, beta linking 2-acetamido-2-deoxy-beta-D-glucopyranose 'C8 H15 N O6'
#
# COMPACT_ATOMS: atom_id res chain seq x y z
N GLY A 1 3.03 30.67 -3.73
CA GLY A 1 2.04 29.58 -3.96
C GLY A 1 0.85 29.69 -3.03
N GLY A 2 -0.33 29.93 -3.60
CA GLY A 2 -1.53 30.07 -2.80
C GLY A 2 -1.71 28.94 -1.78
N PRO A 3 -2.71 29.07 -0.90
CA PRO A 3 -3.02 28.08 0.14
C PRO A 3 -3.46 26.74 -0.44
N SER A 4 -3.14 25.67 0.28
CA SER A 4 -3.53 24.33 -0.13
C SER A 4 -4.37 23.70 0.94
N VAL A 5 -5.40 22.94 0.53
CA VAL A 5 -6.32 22.29 1.46
C VAL A 5 -6.30 20.76 1.42
N PHE A 6 -6.20 20.15 2.59
CA PHE A 6 -6.19 18.69 2.69
C PHE A 6 -7.29 18.22 3.63
N LEU A 7 -8.15 17.31 3.15
CA LEU A 7 -9.27 16.79 3.93
C LEU A 7 -8.95 15.41 4.46
N PHE A 8 -9.18 15.21 5.76
CA PHE A 8 -8.89 13.92 6.39
C PHE A 8 -10.12 13.27 6.96
N PRO A 9 -10.24 11.95 6.80
CA PRO A 9 -11.40 11.25 7.32
C PRO A 9 -11.12 10.82 8.74
N PRO A 10 -12.16 10.38 9.45
CA PRO A 10 -12.02 9.93 10.84
C PRO A 10 -11.33 8.57 10.79
N LYS A 11 -10.90 8.04 11.93
CA LYS A 11 -10.24 6.74 11.94
C LYS A 11 -11.27 5.62 11.95
N PRO A 12 -11.02 4.54 11.22
CA PRO A 12 -11.94 3.41 11.14
C PRO A 12 -12.51 2.95 12.47
N LYS A 13 -11.66 2.88 13.48
CA LYS A 13 -12.09 2.44 14.79
C LYS A 13 -13.05 3.44 15.40
N ASP A 14 -12.77 4.72 15.14
CA ASP A 14 -13.58 5.81 15.64
C ASP A 14 -15.04 5.80 15.22
N THR A 15 -15.32 5.29 14.03
CA THR A 15 -16.68 5.27 13.52
C THR A 15 -17.47 4.03 13.91
N LEU A 16 -16.78 3.02 14.41
CA LEU A 16 -17.42 1.76 14.77
C LEU A 16 -17.77 1.63 16.25
N MET A 17 -17.26 2.53 17.07
CA MET A 17 -17.54 2.47 18.50
C MET A 17 -18.20 3.76 18.97
N ILE A 18 -19.45 3.61 19.37
CA ILE A 18 -20.29 4.71 19.83
C ILE A 18 -19.58 5.56 20.90
N SER A 19 -18.58 4.98 21.53
CA SER A 19 -17.81 5.65 22.58
C SER A 19 -16.69 6.54 22.03
N ARG A 20 -16.29 6.30 20.78
CA ARG A 20 -15.23 7.11 20.17
C ARG A 20 -15.83 8.39 19.62
N THR A 21 -14.98 9.28 19.14
CA THR A 21 -15.47 10.53 18.56
C THR A 21 -14.91 10.70 17.15
N PRO A 22 -15.63 10.23 16.13
CA PRO A 22 -15.17 10.35 14.74
C PRO A 22 -15.07 11.80 14.26
N GLU A 23 -13.92 12.19 13.74
CA GLU A 23 -13.75 13.55 13.25
C GLU A 23 -13.24 13.62 11.81
N VAL A 24 -13.59 14.70 11.11
CA VAL A 24 -13.13 14.96 9.74
C VAL A 24 -12.33 16.25 9.94
N THR A 25 -11.09 16.27 9.45
CA THR A 25 -10.22 17.43 9.64
C THR A 25 -9.79 18.15 8.36
N CYS A 26 -10.04 19.45 8.32
CA CYS A 26 -9.70 20.24 7.14
C CYS A 26 -8.48 21.12 7.41
N VAL A 27 -7.33 20.72 6.85
CA VAL A 27 -6.09 21.46 7.07
C VAL A 27 -5.73 22.37 5.91
N VAL A 28 -5.28 23.58 6.23
CA VAL A 28 -4.87 24.56 5.22
C VAL A 28 -3.41 24.95 5.45
N VAL A 29 -2.59 24.91 4.39
CA VAL A 29 -1.20 25.30 4.51
C VAL A 29 -0.82 26.35 3.48
N ASP A 30 0.40 26.87 3.59
CA ASP A 30 0.91 27.89 2.68
C ASP A 30 0.06 29.16 2.62
N VAL A 31 -0.16 29.78 3.76
CA VAL A 31 -0.94 31.02 3.84
C VAL A 31 0.02 32.11 4.28
N SER A 32 0.45 32.96 3.34
CA SER A 32 1.41 34.03 3.67
C SER A 32 0.87 35.17 4.51
N HIS A 33 1.79 35.98 5.03
CA HIS A 33 1.45 37.12 5.87
C HIS A 33 0.63 38.16 5.10
N GLU A 34 0.87 38.27 3.79
CA GLU A 34 0.15 39.23 2.95
C GLU A 34 -1.37 39.12 3.10
N ASP A 35 -1.86 37.90 3.28
CA ASP A 35 -3.29 37.61 3.44
C ASP A 35 -3.45 36.41 4.37
N PRO A 36 -3.27 36.61 5.69
CA PRO A 36 -3.39 35.52 6.68
C PRO A 36 -4.80 35.13 7.10
N GLU A 37 -5.80 35.82 6.56
CA GLU A 37 -7.18 35.51 6.94
C GLU A 37 -7.72 34.33 6.14
N VAL A 38 -8.49 33.48 6.81
CA VAL A 38 -9.10 32.30 6.18
C VAL A 38 -10.51 32.03 6.72
N LYS A 39 -11.43 31.74 5.80
CA LYS A 39 -12.80 31.46 6.20
C LYS A 39 -13.13 30.00 5.92
N PHE A 40 -13.82 29.37 6.87
CA PHE A 40 -14.23 27.99 6.72
C PHE A 40 -15.75 27.88 6.63
N ASN A 41 -16.21 27.06 5.69
CA ASN A 41 -17.63 26.79 5.48
C ASN A 41 -17.76 25.27 5.37
N TRP A 42 -18.64 24.68 6.17
CA TRP A 42 -18.85 23.24 6.15
C TRP A 42 -20.22 22.84 5.62
N TYR A 43 -20.25 21.76 4.84
CA TYR A 43 -21.48 21.25 4.26
C TYR A 43 -21.59 19.74 4.48
N VAL A 44 -22.78 19.28 4.84
CA VAL A 44 -23.07 17.87 5.08
C VAL A 44 -24.13 17.53 4.05
N ASP A 45 -23.73 16.83 2.99
CA ASP A 45 -24.65 16.47 1.92
C ASP A 45 -25.23 17.73 1.29
N GLY A 46 -24.42 18.78 1.24
CA GLY A 46 -24.90 20.03 0.65
C GLY A 46 -25.45 21.06 1.63
N VAL A 47 -26.02 20.63 2.75
CA VAL A 47 -26.55 21.61 3.68
C VAL A 47 -25.46 22.09 4.63
N GLU A 48 -25.22 23.40 4.62
CA GLU A 48 -24.22 24.01 5.47
C GLU A 48 -24.52 23.73 6.96
N VAL A 49 -23.47 23.42 7.72
CA VAL A 49 -23.64 23.12 9.13
C VAL A 49 -22.69 24.06 9.88
N HIS A 50 -22.94 24.33 11.15
CA HIS A 50 -22.04 25.26 11.81
C HIS A 50 -21.47 24.81 13.15
N ASN A 51 -21.43 23.52 13.39
CA ASN A 51 -20.91 22.95 14.65
C ASN A 51 -19.40 22.66 14.62
N ALA A 52 -18.67 23.19 13.65
CA ALA A 52 -17.25 22.92 13.59
C ALA A 52 -16.47 23.45 14.80
N LYS A 53 -15.14 23.34 14.73
CA LYS A 53 -14.23 23.81 15.78
C LYS A 53 -12.93 24.15 15.08
N THR A 54 -12.69 25.44 14.89
CA THR A 54 -11.52 25.94 14.20
C THR A 54 -10.43 26.52 15.09
N LYS A 55 -9.23 25.94 15.00
CA LYS A 55 -8.08 26.39 15.77
C LYS A 55 -7.52 27.63 15.08
N PRO A 56 -6.87 28.53 15.84
CA PRO A 56 -6.28 29.76 15.28
C PRO A 56 -4.95 29.50 14.58
N ARG A 57 -4.61 30.41 13.65
CA ARG A 57 -3.38 30.31 12.88
C ARG A 57 -2.18 29.74 13.65
N GLU A 58 -1.20 29.22 12.91
CA GLU A 58 -0.01 28.63 13.50
C GLU A 58 1.15 28.79 12.51
N GLU A 59 2.10 29.65 12.84
CA GLU A 59 3.25 29.90 11.97
C GLU A 59 3.95 28.59 11.67
N GLN A 60 4.72 28.52 10.59
CA GLN A 60 5.37 27.26 10.25
C GLN A 60 6.83 27.32 9.82
N TYR A 61 7.66 28.04 10.56
CA TYR A 61 9.09 28.14 10.25
C TYR A 61 9.46 28.46 8.82
N ASN A 62 8.54 28.25 7.88
CA ASN A 62 8.83 28.55 6.49
C ASN A 62 8.08 29.79 6.04
N SER A 63 7.81 30.66 7.01
CA SER A 63 7.11 31.93 6.77
C SER A 63 5.69 31.80 6.23
N THR A 64 5.05 30.66 6.50
CA THR A 64 3.68 30.44 6.03
C THR A 64 2.80 29.97 7.19
N TYR A 65 1.51 30.28 7.13
CA TYR A 65 0.59 29.88 8.18
C TYR A 65 -0.15 28.58 7.89
N ARG A 66 -0.56 27.91 8.97
CA ARG A 66 -1.28 26.66 8.88
C ARG A 66 -2.53 26.80 9.73
N VAL A 67 -3.69 26.63 9.12
CA VAL A 67 -4.95 26.75 9.83
C VAL A 67 -5.66 25.40 9.73
N VAL A 68 -6.29 24.97 10.81
CA VAL A 68 -6.98 23.67 10.86
C VAL A 68 -8.38 23.74 11.48
N SER A 69 -9.36 23.15 10.83
CA SER A 69 -10.73 23.14 11.37
C SER A 69 -11.18 21.70 11.58
N VAL A 70 -11.87 21.44 12.69
CA VAL A 70 -12.35 20.09 13.02
C VAL A 70 -13.86 19.99 13.12
N LEU A 71 -14.41 19.00 12.43
CA LEU A 71 -15.85 18.75 12.40
C LEU A 71 -16.16 17.36 12.92
N THR A 72 -16.90 17.28 14.03
CA THR A 72 -17.27 15.98 14.59
C THR A 72 -18.45 15.44 13.80
N VAL A 73 -18.38 14.17 13.44
CA VAL A 73 -19.42 13.56 12.66
C VAL A 73 -20.12 12.46 13.44
N LEU A 74 -21.39 12.25 13.14
CA LEU A 74 -22.16 11.21 13.81
C LEU A 74 -21.84 9.88 13.13
N HIS A 75 -21.53 8.87 13.95
CA HIS A 75 -21.19 7.53 13.50
C HIS A 75 -22.05 7.01 12.36
N GLN A 76 -23.37 7.12 12.51
CA GLN A 76 -24.26 6.64 11.48
C GLN A 76 -24.27 7.53 10.25
N ASP A 77 -24.11 8.85 10.43
CA ASP A 77 -24.08 9.73 9.27
C ASP A 77 -22.99 9.18 8.35
N TRP A 78 -21.83 8.90 8.96
CA TRP A 78 -20.69 8.39 8.23
C TRP A 78 -20.92 7.00 7.62
N LEU A 79 -21.31 6.03 8.44
CA LEU A 79 -21.53 4.70 7.93
C LEU A 79 -22.62 4.65 6.89
N ASN A 80 -23.42 5.71 6.82
CA ASN A 80 -24.50 5.78 5.85
C ASN A 80 -24.22 6.55 4.55
N GLY A 81 -22.97 6.95 4.33
CA GLY A 81 -22.63 7.65 3.11
C GLY A 81 -22.65 9.17 3.00
N LYS A 82 -23.12 9.86 4.02
CA LYS A 82 -23.14 11.32 3.98
C LYS A 82 -21.78 11.86 3.54
N GLU A 83 -21.78 12.93 2.73
CA GLU A 83 -20.52 13.52 2.26
C GLU A 83 -20.25 14.86 2.99
N TYR A 84 -18.99 15.06 3.41
CA TYR A 84 -18.61 16.29 4.12
C TYR A 84 -17.76 17.18 3.24
N LYS A 85 -18.20 18.43 3.08
CA LYS A 85 -17.48 19.37 2.25
C LYS A 85 -16.89 20.53 3.05
N CYS A 86 -15.60 20.82 2.80
CA CYS A 86 -14.91 21.92 3.46
C CYS A 86 -14.57 23.00 2.44
N LYS A 87 -15.16 24.17 2.62
CA LYS A 87 -14.93 25.29 1.71
C LYS A 87 -14.02 26.24 2.45
N VAL A 88 -12.87 26.53 1.87
CA VAL A 88 -11.89 27.42 2.47
C VAL A 88 -11.75 28.66 1.62
N SER A 89 -11.86 29.82 2.24
CA SER A 89 -11.75 31.07 1.51
C SER A 89 -10.58 31.88 2.01
N ASN A 90 -9.81 32.41 1.08
CA ASN A 90 -8.65 33.24 1.42
C ASN A 90 -8.61 34.46 0.52
N LYS A 91 -8.39 35.62 1.14
CA LYS A 91 -8.34 36.88 0.42
C LYS A 91 -7.20 36.98 -0.58
N ALA A 92 -6.72 35.85 -1.06
CA ALA A 92 -5.63 35.80 -2.02
C ALA A 92 -5.77 34.58 -2.92
N LEU A 93 -7.02 34.14 -3.10
CA LEU A 93 -7.34 32.97 -3.91
C LEU A 93 -8.39 33.35 -4.96
N PRO A 94 -8.14 33.00 -6.24
CA PRO A 94 -9.09 33.33 -7.31
C PRO A 94 -10.52 32.91 -6.95
N ALA A 95 -10.63 31.74 -6.36
CA ALA A 95 -11.92 31.20 -5.95
C ALA A 95 -11.72 30.36 -4.69
N PRO A 96 -12.77 30.23 -3.87
CA PRO A 96 -12.62 29.43 -2.66
C PRO A 96 -12.28 28.01 -3.04
N ILE A 97 -11.52 27.32 -2.18
CA ILE A 97 -11.15 25.93 -2.43
C ILE A 97 -12.09 25.01 -1.68
N GLU A 98 -12.53 23.94 -2.35
CA GLU A 98 -13.44 22.99 -1.72
C GLU A 98 -12.92 21.57 -1.82
N LYS A 99 -13.21 20.78 -0.79
CA LYS A 99 -12.81 19.38 -0.72
C LYS A 99 -13.98 18.59 -0.13
N THR A 100 -14.09 17.31 -0.47
CA THR A 100 -15.20 16.52 0.04
C THR A 100 -14.80 15.06 0.29
N ILE A 101 -15.09 14.53 1.47
CA ILE A 101 -14.76 13.13 1.77
C ILE A 101 -15.95 12.36 2.29
N SER A 102 -15.89 11.05 2.11
CA SER A 102 -16.96 10.18 2.58
C SER A 102 -16.45 8.77 2.64
N LYS A 103 -17.31 7.86 3.06
CA LYS A 103 -16.97 6.47 3.11
C LYS A 103 -17.08 6.00 1.66
N ALA A 104 -16.12 5.21 1.20
CA ALA A 104 -16.13 4.71 -0.18
C ALA A 104 -17.53 4.19 -0.53
N LYS A 105 -18.05 4.67 -1.66
CA LYS A 105 -19.37 4.25 -2.07
C LYS A 105 -19.31 2.80 -2.47
N GLY A 106 -20.25 2.02 -1.93
CA GLY A 106 -20.31 0.61 -2.21
C GLY A 106 -21.43 0.01 -1.39
N GLN A 107 -21.34 -1.28 -1.14
CA GLN A 107 -22.32 -2.01 -0.34
C GLN A 107 -21.47 -2.86 0.59
N PRO A 108 -21.55 -2.62 1.89
CA PRO A 108 -20.74 -3.38 2.84
C PRO A 108 -20.80 -4.89 2.63
N ARG A 109 -19.66 -5.53 2.86
CA ARG A 109 -19.51 -6.96 2.71
C ARG A 109 -18.85 -7.45 3.97
N GLU A 110 -19.39 -8.51 4.56
CA GLU A 110 -18.84 -9.05 5.79
C GLU A 110 -17.48 -9.73 5.56
N PRO A 111 -16.48 -9.38 6.39
CA PRO A 111 -15.15 -9.95 6.28
C PRO A 111 -15.03 -11.36 6.84
N GLN A 112 -14.34 -12.21 6.09
CA GLN A 112 -14.10 -13.61 6.50
C GLN A 112 -12.79 -13.60 7.28
N VAL A 113 -12.82 -14.13 8.51
CA VAL A 113 -11.63 -14.12 9.37
C VAL A 113 -11.09 -15.49 9.75
N TYR A 114 -10.07 -15.95 9.03
CA TYR A 114 -9.47 -17.24 9.31
C TYR A 114 -8.08 -17.08 9.93
N THR A 115 -7.69 -18.03 10.75
CA THR A 115 -6.39 -17.99 11.38
C THR A 115 -5.54 -19.11 10.82
N LEU A 116 -4.23 -18.89 10.81
CA LEU A 116 -3.30 -19.85 10.25
C LEU A 116 -2.12 -20.12 11.16
N PRO A 117 -1.87 -21.40 11.46
CA PRO A 117 -0.75 -21.78 12.32
C PRO A 117 0.52 -21.69 11.47
N PRO A 118 1.68 -21.49 12.11
CA PRO A 118 2.96 -21.39 11.41
C PRO A 118 3.34 -22.63 10.61
N SER A 119 4.24 -22.45 9.65
CA SER A 119 4.71 -23.57 8.83
C SER A 119 5.70 -24.40 9.61
N ARG A 120 5.58 -25.72 9.51
CA ARG A 120 6.49 -26.62 10.22
C ARG A 120 7.95 -26.29 9.93
N GLU A 121 8.21 -25.75 8.74
CA GLU A 121 9.56 -25.40 8.32
C GLU A 121 10.11 -24.25 9.16
N GLU A 122 9.30 -23.23 9.38
CA GLU A 122 9.74 -22.09 10.18
C GLU A 122 10.04 -22.48 11.62
N MET A 123 9.58 -23.67 12.00
CA MET A 123 9.80 -24.21 13.35
C MET A 123 11.28 -24.52 13.53
N THR A 124 12.14 -23.54 13.31
CA THR A 124 13.59 -23.75 13.45
C THR A 124 14.25 -22.47 13.97
N LYS A 125 13.45 -21.43 14.16
CA LYS A 125 13.96 -20.16 14.66
C LYS A 125 13.44 -19.90 16.07
N ASN A 126 14.05 -18.95 16.77
CA ASN A 126 13.64 -18.61 18.13
C ASN A 126 12.35 -17.81 18.11
N GLN A 127 11.81 -17.59 16.91
CA GLN A 127 10.57 -16.85 16.75
C GLN A 127 9.74 -17.45 15.62
N VAL A 128 8.43 -17.42 15.79
CA VAL A 128 7.50 -17.98 14.81
C VAL A 128 6.42 -16.96 14.45
N SER A 129 5.63 -17.26 13.44
CA SER A 129 4.61 -16.33 13.03
C SER A 129 3.21 -16.90 12.83
N LEU A 130 2.26 -16.34 13.57
CA LEU A 130 0.87 -16.74 13.48
C LEU A 130 0.19 -15.78 12.52
N THR A 131 -0.52 -16.33 11.54
CA THR A 131 -1.18 -15.50 10.56
C THR A 131 -2.69 -15.37 10.70
N CYS A 132 -3.19 -14.16 10.47
CA CYS A 132 -4.60 -13.88 10.52
C CYS A 132 -5.05 -13.47 9.12
N LEU A 133 -5.96 -14.22 8.52
CA LEU A 133 -6.42 -13.90 7.18
C LEU A 133 -7.80 -13.27 7.20
N VAL A 134 -7.88 -12.07 6.63
CA VAL A 134 -9.12 -11.32 6.59
C VAL A 134 -9.44 -11.02 5.15
N LYS A 135 -10.51 -11.62 4.62
CA LYS A 135 -10.90 -11.44 3.22
C LYS A 135 -12.38 -11.09 3.02
N GLY A 136 -12.73 -10.87 1.75
CA GLY A 136 -14.10 -10.55 1.39
C GLY A 136 -14.81 -9.36 2.02
N PHE A 137 -14.06 -8.37 2.48
CA PHE A 137 -14.71 -7.21 3.09
C PHE A 137 -14.71 -5.93 2.27
N TYR A 138 -15.72 -5.10 2.53
CA TYR A 138 -15.90 -3.81 1.86
C TYR A 138 -16.71 -2.98 2.86
N PRO A 139 -16.39 -1.68 3.00
CA PRO A 139 -15.30 -1.03 2.28
C PRO A 139 -13.98 -1.44 2.91
N SER A 140 -12.87 -0.83 2.49
CA SER A 140 -11.59 -1.26 3.05
C SER A 140 -11.27 -0.75 4.46
N ASP A 141 -12.06 0.19 4.98
CA ASP A 141 -11.81 0.70 6.33
C ASP A 141 -11.92 -0.46 7.29
N ILE A 142 -10.83 -0.75 7.99
CA ILE A 142 -10.80 -1.87 8.91
C ILE A 142 -9.77 -1.69 10.02
N ALA A 143 -9.78 -2.58 11.00
CA ALA A 143 -8.85 -2.52 12.11
C ALA A 143 -8.60 -3.93 12.63
N VAL A 144 -7.33 -4.28 12.81
CA VAL A 144 -6.97 -5.63 13.27
C VAL A 144 -6.08 -5.60 14.52
N GLU A 145 -6.21 -6.63 15.37
CA GLU A 145 -5.41 -6.70 16.58
C GLU A 145 -5.23 -8.09 17.17
N TRP A 146 -4.10 -8.29 17.85
CA TRP A 146 -3.77 -9.56 18.49
C TRP A 146 -3.60 -9.41 19.98
N GLU A 147 -4.09 -10.40 20.72
CA GLU A 147 -3.99 -10.44 22.16
C GLU A 147 -4.06 -11.89 22.60
N SER A 148 -3.32 -12.23 23.66
CA SER A 148 -3.33 -13.58 24.20
C SER A 148 -3.61 -13.44 25.69
N ASN A 149 -4.63 -14.16 26.14
CA ASN A 149 -5.03 -14.12 27.54
C ASN A 149 -5.40 -12.70 27.94
N GLY A 150 -6.40 -12.16 27.24
CA GLY A 150 -6.89 -10.82 27.51
C GLY A 150 -5.92 -9.71 27.16
N GLN A 151 -4.65 -9.93 27.52
CA GLN A 151 -3.59 -8.96 27.27
C GLN A 151 -3.23 -8.79 25.78
N PRO A 152 -2.86 -7.57 25.37
CA PRO A 152 -2.50 -7.30 23.98
C PRO A 152 -1.10 -7.78 23.57
N GLU A 153 -1.04 -8.55 22.48
CA GLU A 153 0.23 -9.05 21.95
C GLU A 153 0.67 -8.00 20.94
N ASN A 154 1.67 -7.20 21.28
CA ASN A 154 2.11 -6.12 20.40
C ASN A 154 3.11 -6.37 19.26
N ASN A 155 3.79 -7.51 19.23
CA ASN A 155 4.75 -7.72 18.16
C ASN A 155 4.16 -8.21 16.83
N TYR A 156 3.37 -7.36 16.19
CA TYR A 156 2.74 -7.74 14.93
C TYR A 156 2.77 -6.67 13.85
N LYS A 157 2.42 -7.06 12.65
CA LYS A 157 2.37 -6.15 11.53
C LYS A 157 1.22 -6.59 10.65
N THR A 158 0.42 -5.63 10.19
CA THR A 158 -0.72 -5.91 9.32
C THR A 158 -0.43 -5.30 7.94
N THR A 159 -0.72 -6.03 6.87
CA THR A 159 -0.46 -5.50 5.54
C THR A 159 -1.59 -4.54 5.25
N PRO A 160 -1.37 -3.59 4.35
CA PRO A 160 -2.48 -2.69 4.09
C PRO A 160 -3.52 -3.48 3.32
N PRO A 161 -4.71 -2.89 3.10
CA PRO A 161 -5.77 -3.58 2.35
C PRO A 161 -5.42 -3.76 0.85
N VAL A 162 -5.77 -4.93 0.31
CA VAL A 162 -5.53 -5.24 -1.10
C VAL A 162 -6.83 -5.57 -1.84
N LEU A 163 -7.12 -4.83 -2.91
CA LEU A 163 -8.33 -5.07 -3.71
C LEU A 163 -8.23 -6.43 -4.40
N ASP A 164 -9.16 -7.32 -4.08
CA ASP A 164 -9.16 -8.66 -4.66
C ASP A 164 -9.82 -8.58 -6.05
N SER A 165 -9.93 -9.72 -6.75
CA SER A 165 -10.52 -9.68 -8.09
C SER A 165 -12.04 -9.57 -8.06
N ASP A 166 -12.67 -10.07 -7.00
CA ASP A 166 -14.13 -9.96 -6.91
C ASP A 166 -14.57 -8.53 -6.54
N GLY A 167 -13.61 -7.65 -6.28
CA GLY A 167 -13.99 -6.29 -5.92
C GLY A 167 -13.95 -5.99 -4.43
N SER A 168 -13.94 -7.05 -3.61
CA SER A 168 -13.87 -6.93 -2.17
C SER A 168 -12.41 -6.65 -1.79
N PHE A 169 -12.12 -6.78 -0.50
CA PHE A 169 -10.79 -6.55 0.02
C PHE A 169 -10.32 -7.69 0.92
N PHE A 170 -9.00 -7.77 1.10
CA PHE A 170 -8.39 -8.78 1.96
C PHE A 170 -7.07 -8.21 2.48
N LEU A 171 -6.56 -8.81 3.54
CA LEU A 171 -5.31 -8.38 4.12
C LEU A 171 -4.79 -9.53 4.96
N TYR A 172 -3.56 -9.39 5.44
CA TYR A 172 -2.98 -10.39 6.32
C TYR A 172 -2.31 -9.68 7.50
N SER A 173 -2.39 -10.30 8.66
CA SER A 173 -1.77 -9.72 9.84
C SER A 173 -0.82 -10.81 10.31
N LYS A 174 0.38 -10.42 10.71
CA LYS A 174 1.34 -11.40 11.19
C LYS A 174 1.75 -11.12 12.63
N LEU A 175 1.55 -12.11 13.49
CA LEU A 175 1.90 -12.02 14.92
C LEU A 175 3.13 -12.90 15.18
N THR A 176 4.28 -12.25 15.35
CA THR A 176 5.55 -12.96 15.57
C THR A 176 5.82 -13.18 17.05
N VAL A 177 5.87 -14.45 17.45
CA VAL A 177 6.13 -14.78 18.85
C VAL A 177 7.20 -15.85 18.99
N ASP A 178 7.76 -15.95 20.19
CA ASP A 178 8.79 -16.94 20.49
C ASP A 178 8.21 -18.33 20.34
N LYS A 179 8.93 -19.22 19.66
CA LYS A 179 8.46 -20.59 19.50
C LYS A 179 8.39 -21.22 20.88
N SER A 180 8.99 -20.53 21.85
CA SER A 180 9.02 -20.96 23.24
C SER A 180 7.71 -20.64 23.96
N ARG A 181 6.63 -20.48 23.20
CA ARG A 181 5.31 -20.19 23.75
C ARG A 181 4.36 -21.03 22.92
N TRP A 182 4.39 -20.79 21.62
CA TRP A 182 3.53 -21.52 20.70
C TRP A 182 3.61 -23.02 21.00
N GLN A 183 4.81 -23.52 21.29
CA GLN A 183 4.99 -24.94 21.58
C GLN A 183 4.33 -25.32 22.91
N GLN A 184 4.11 -24.33 23.76
CA GLN A 184 3.48 -24.54 25.05
C GLN A 184 1.96 -24.33 24.98
N GLY A 185 1.39 -24.73 23.85
CA GLY A 185 -0.05 -24.63 23.64
C GLY A 185 -0.79 -23.34 23.94
N ASN A 186 -0.09 -22.20 24.01
CA ASN A 186 -0.75 -20.92 24.29
C ASN A 186 -1.78 -20.56 23.21
N VAL A 187 -2.81 -19.84 23.61
CA VAL A 187 -3.85 -19.44 22.66
C VAL A 187 -3.77 -17.96 22.30
N PHE A 188 -3.74 -17.70 20.99
CA PHE A 188 -3.70 -16.34 20.49
C PHE A 188 -4.97 -16.10 19.70
N SER A 189 -5.52 -14.90 19.81
CA SER A 189 -6.75 -14.55 19.13
C SER A 189 -6.61 -13.29 18.28
N CYS A 190 -7.15 -13.37 17.07
CA CYS A 190 -7.10 -12.26 16.15
C CYS A 190 -8.48 -11.59 16.13
N SER A 191 -8.51 -10.31 16.41
CA SER A 191 -9.78 -9.58 16.43
C SER A 191 -9.85 -8.57 15.29
N VAL A 192 -11.03 -8.41 14.73
CA VAL A 192 -11.26 -7.50 13.62
C VAL A 192 -12.48 -6.62 13.84
N MET A 193 -12.34 -5.34 13.47
CA MET A 193 -13.42 -4.38 13.61
C MET A 193 -13.80 -3.85 12.23
N HIS A 194 -15.06 -4.00 11.86
CA HIS A 194 -15.52 -3.57 10.55
C HIS A 194 -17.01 -3.26 10.63
N GLU A 195 -17.51 -2.42 9.74
CA GLU A 195 -18.92 -2.07 9.80
C GLU A 195 -19.85 -3.22 9.49
N ALA A 196 -19.41 -4.18 8.67
CA ALA A 196 -20.27 -5.30 8.30
C ALA A 196 -20.26 -6.50 9.24
N LEU A 197 -19.58 -6.38 10.39
CA LEU A 197 -19.57 -7.46 11.38
C LEU A 197 -20.52 -7.13 12.52
N HIS A 198 -21.44 -8.04 12.82
CA HIS A 198 -22.39 -7.86 13.92
C HIS A 198 -21.64 -7.30 15.13
N ASN A 199 -22.13 -6.17 15.65
CA ASN A 199 -21.52 -5.48 16.78
C ASN A 199 -20.15 -4.91 16.39
N HIS A 200 -19.89 -4.87 15.08
CA HIS A 200 -18.65 -4.34 14.51
C HIS A 200 -17.39 -5.02 15.03
N TYR A 201 -17.50 -6.30 15.35
CA TYR A 201 -16.37 -7.02 15.90
C TYR A 201 -16.52 -8.52 15.72
N THR A 202 -15.40 -9.21 15.70
CA THR A 202 -15.40 -10.66 15.58
C THR A 202 -14.04 -11.08 16.09
N GLN A 203 -13.91 -12.34 16.47
CA GLN A 203 -12.65 -12.82 16.99
C GLN A 203 -12.41 -14.26 16.57
N LYS A 204 -11.14 -14.58 16.32
CA LYS A 204 -10.75 -15.92 15.90
C LYS A 204 -9.54 -16.31 16.71
N SER A 205 -9.55 -17.51 17.27
CA SER A 205 -8.46 -17.98 18.09
C SER A 205 -7.54 -18.97 17.40
N LEU A 206 -6.24 -18.78 17.57
CA LEU A 206 -5.25 -19.68 16.99
C LEU A 206 -4.53 -20.35 18.12
N SER A 207 -4.56 -21.68 18.14
CA SER A 207 -3.90 -22.43 19.20
C SER A 207 -3.06 -23.60 18.69
N LEU A 208 -2.09 -24.00 19.50
CA LEU A 208 -1.23 -25.12 19.16
C LEU A 208 -1.97 -26.41 19.41
N SER A 209 -2.22 -27.15 18.34
CA SER A 209 -2.92 -28.44 18.43
C SER A 209 -3.01 -29.06 17.03
N GLY B 1 2.14 25.85 -17.87
CA GLY B 1 1.33 25.29 -16.75
C GLY B 1 2.18 24.83 -15.58
N GLY B 2 2.64 23.59 -15.63
CA GLY B 2 3.46 23.05 -14.56
C GLY B 2 4.20 21.77 -14.92
N PRO B 3 5.23 21.85 -15.78
CA PRO B 3 6.02 20.68 -16.19
C PRO B 3 6.97 20.16 -15.11
N SER B 4 6.52 19.13 -14.38
CA SER B 4 7.33 18.51 -13.33
C SER B 4 7.72 17.13 -13.79
N VAL B 5 8.81 16.60 -13.24
CA VAL B 5 9.29 15.28 -13.65
C VAL B 5 9.14 14.19 -12.58
N PHE B 6 9.23 12.94 -13.01
CA PHE B 6 9.12 11.78 -12.14
C PHE B 6 10.00 10.65 -12.68
N LEU B 7 10.93 10.18 -11.85
CA LEU B 7 11.86 9.11 -12.23
C LEU B 7 11.48 7.77 -11.58
N PHE B 8 11.35 6.71 -12.38
CA PHE B 8 10.99 5.40 -11.84
C PHE B 8 12.05 4.32 -12.01
N PRO B 9 12.15 3.41 -11.03
CA PRO B 9 13.12 2.31 -11.05
C PRO B 9 12.65 1.15 -11.93
N PRO B 10 13.55 0.23 -12.26
CA PRO B 10 13.12 -0.88 -13.07
C PRO B 10 12.24 -1.79 -12.22
N LYS B 11 11.67 -2.82 -12.83
CA LYS B 11 10.82 -3.79 -12.13
C LYS B 11 11.76 -4.80 -11.49
N PRO B 12 11.40 -5.31 -10.31
CA PRO B 12 12.26 -6.29 -9.64
C PRO B 12 12.60 -7.47 -10.52
N LYS B 13 11.58 -8.07 -11.11
CA LYS B 13 11.77 -9.23 -11.96
C LYS B 13 12.78 -8.97 -13.08
N ASP B 14 12.75 -7.77 -13.64
CA ASP B 14 13.64 -7.45 -14.76
C ASP B 14 15.12 -7.34 -14.46
N THR B 15 15.50 -7.09 -13.22
CA THR B 15 16.93 -6.98 -12.91
C THR B 15 17.50 -8.31 -12.48
N LEU B 16 16.63 -9.28 -12.22
CA LEU B 16 17.10 -10.59 -11.76
C LEU B 16 17.36 -11.65 -12.84
N MET B 17 16.62 -11.58 -13.95
CA MET B 17 16.78 -12.52 -15.07
C MET B 17 17.35 -11.75 -16.26
N ILE B 18 18.56 -12.11 -16.69
CA ILE B 18 19.15 -11.39 -17.81
C ILE B 18 18.29 -11.53 -19.09
N SER B 19 17.36 -12.49 -19.08
CA SER B 19 16.50 -12.66 -20.24
C SER B 19 15.72 -11.39 -20.49
N ARG B 20 15.20 -10.77 -19.41
CA ARG B 20 14.43 -9.54 -19.58
C ARG B 20 15.27 -8.29 -19.52
N THR B 21 14.67 -7.17 -19.86
CA THR B 21 15.41 -5.91 -19.89
C THR B 21 14.90 -4.86 -18.93
N PRO B 22 15.74 -4.47 -17.95
CA PRO B 22 15.43 -3.46 -16.93
C PRO B 22 15.61 -2.06 -17.48
N GLU B 23 14.64 -1.20 -17.19
CA GLU B 23 14.67 0.17 -17.68
C GLU B 23 14.41 1.21 -16.59
N VAL B 24 14.70 2.47 -16.89
CA VAL B 24 14.45 3.58 -15.98
C VAL B 24 13.59 4.57 -16.76
N THR B 25 12.32 4.69 -16.40
CA THR B 25 11.41 5.61 -17.08
C THR B 25 11.51 6.99 -16.40
N CYS B 26 11.54 8.06 -17.20
CA CYS B 26 11.66 9.41 -16.65
C CYS B 26 10.46 10.29 -16.98
N VAL B 27 9.26 9.76 -16.78
CA VAL B 27 7.99 10.45 -17.04
C VAL B 27 7.86 11.93 -16.64
N VAL B 28 7.61 12.79 -17.63
CA VAL B 28 7.43 14.23 -17.43
C VAL B 28 5.95 14.57 -17.62
N VAL B 29 5.32 15.13 -16.60
CA VAL B 29 3.90 15.46 -16.66
C VAL B 29 3.62 16.92 -17.05
N ASP B 30 2.35 17.24 -17.26
CA ASP B 30 1.90 18.58 -17.61
C ASP B 30 2.80 19.30 -18.61
N VAL B 31 2.84 18.81 -19.84
CA VAL B 31 3.64 19.44 -20.89
C VAL B 31 2.70 20.41 -21.61
N SER B 32 3.16 21.65 -21.76
CA SER B 32 2.36 22.69 -22.40
C SER B 32 2.31 22.60 -23.92
N HIS B 33 1.14 22.89 -24.50
CA HIS B 33 0.98 22.84 -25.94
C HIS B 33 1.94 23.85 -26.57
N GLU B 34 1.95 25.07 -26.02
CA GLU B 34 2.82 26.15 -26.49
C GLU B 34 4.22 25.64 -26.80
N ASP B 35 5.01 25.43 -25.74
CA ASP B 35 6.37 24.94 -25.92
C ASP B 35 6.48 23.50 -25.43
N PRO B 36 6.20 22.53 -26.32
CA PRO B 36 6.27 21.11 -25.98
C PRO B 36 7.68 20.59 -26.26
N GLU B 37 8.62 21.53 -26.35
CA GLU B 37 10.01 21.18 -26.63
C GLU B 37 10.79 20.73 -25.39
N VAL B 38 10.52 19.49 -24.95
CA VAL B 38 11.21 18.94 -23.78
C VAL B 38 12.36 18.03 -24.20
N LYS B 39 13.51 18.25 -23.58
CA LYS B 39 14.71 17.48 -23.86
C LYS B 39 15.04 16.59 -22.67
N PHE B 40 15.89 15.60 -22.90
CA PHE B 40 16.32 14.68 -21.86
C PHE B 40 17.83 14.55 -21.92
N ASN B 41 18.41 14.01 -20.85
CA ASN B 41 19.86 13.82 -20.72
C ASN B 41 20.07 12.87 -19.55
N TRP B 42 20.74 11.75 -19.79
CA TRP B 42 20.97 10.79 -18.71
C TRP B 42 22.39 10.77 -18.20
N TYR B 43 22.54 10.29 -16.97
CA TYR B 43 23.85 10.19 -16.34
C TYR B 43 23.87 8.95 -15.44
N VAL B 44 24.92 8.13 -15.60
CA VAL B 44 25.08 6.90 -14.84
C VAL B 44 26.26 7.13 -13.91
N ASP B 45 25.98 7.68 -12.73
CA ASP B 45 27.03 7.99 -11.76
C ASP B 45 27.67 9.30 -12.23
N GLY B 46 26.85 10.13 -12.86
CA GLY B 46 27.32 11.40 -13.38
C GLY B 46 28.31 11.23 -14.52
N VAL B 47 28.18 10.12 -15.26
CA VAL B 47 29.09 9.84 -16.35
C VAL B 47 28.46 10.14 -17.72
N GLU B 48 27.16 10.40 -17.74
CA GLU B 48 26.47 10.71 -18.99
C GLU B 48 26.73 9.67 -20.08
N VAL B 49 25.89 8.64 -20.12
CA VAL B 49 26.03 7.61 -21.13
C VAL B 49 25.05 7.92 -22.25
N HIS B 50 25.15 7.21 -23.37
CA HIS B 50 24.25 7.42 -24.50
C HIS B 50 23.66 6.09 -24.96
N ASN B 51 22.34 6.02 -25.04
CA ASN B 51 21.65 4.81 -25.48
C ASN B 51 20.16 4.88 -25.23
N ALA B 52 19.74 5.82 -24.40
CA ALA B 52 18.32 5.96 -24.08
C ALA B 52 17.51 6.32 -25.32
N LYS B 53 16.19 6.28 -25.21
CA LYS B 53 15.33 6.60 -26.34
C LYS B 53 14.05 7.26 -25.83
N THR B 54 13.55 8.23 -26.59
CA THR B 54 12.34 8.95 -26.19
C THR B 54 11.05 8.33 -26.75
N LYS B 55 9.92 8.96 -26.46
CA LYS B 55 8.62 8.46 -26.91
C LYS B 55 7.65 9.55 -27.36
N PRO B 56 6.61 9.17 -28.12
CA PRO B 56 5.60 10.11 -28.61
C PRO B 56 4.60 10.42 -27.50
N ARG B 57 4.51 11.69 -27.11
CA ARG B 57 3.62 12.10 -26.03
C ARG B 57 2.15 11.72 -26.24
N GLU B 58 1.30 12.22 -25.34
CA GLU B 58 -0.15 11.98 -25.39
C GLU B 58 -0.93 13.19 -24.87
N GLU B 59 -2.26 13.13 -25.03
CA GLU B 59 -3.12 14.23 -24.57
C GLU B 59 -3.74 13.80 -23.24
N GLN B 60 -3.46 14.56 -22.19
CA GLN B 60 -4.01 14.21 -20.87
C GLN B 60 -5.44 14.72 -20.74
N TYR B 61 -6.08 14.93 -21.89
CA TYR B 61 -7.46 15.39 -21.95
C TYR B 61 -7.84 16.36 -20.81
N ASN B 62 -6.88 17.13 -20.36
CA ASN B 62 -7.10 18.12 -19.32
C ASN B 62 -6.20 19.31 -19.64
N SER B 63 -6.17 19.61 -20.94
CA SER B 63 -5.40 20.70 -21.53
C SER B 63 -3.89 20.61 -21.32
N THR B 64 -3.36 19.38 -21.24
CA THR B 64 -1.92 19.21 -21.05
C THR B 64 -1.41 17.94 -21.74
N TYR B 65 -0.09 17.87 -21.91
CA TYR B 65 0.53 16.70 -22.54
C TYR B 65 1.36 15.91 -21.51
N ARG B 66 1.97 14.81 -21.96
CA ARG B 66 2.76 13.95 -21.08
C ARG B 66 3.89 13.16 -21.76
N VAL B 67 5.07 13.76 -21.86
CA VAL B 67 6.23 13.11 -22.46
C VAL B 67 6.86 12.11 -21.50
N VAL B 68 7.56 11.09 -22.02
CA VAL B 68 8.22 10.09 -21.17
C VAL B 68 9.43 9.43 -21.88
N SER B 69 10.55 9.36 -21.18
CA SER B 69 11.74 8.74 -21.76
C SER B 69 12.07 7.46 -20.99
N VAL B 70 12.93 6.62 -21.58
CA VAL B 70 13.32 5.37 -20.95
C VAL B 70 14.75 4.99 -21.30
N LEU B 71 15.54 4.64 -20.27
CA LEU B 71 16.92 4.27 -20.46
C LEU B 71 17.22 2.85 -19.97
N THR B 72 17.77 2.03 -20.87
CA THR B 72 18.12 0.64 -20.57
C THR B 72 19.32 0.56 -19.62
N VAL B 73 19.39 -0.51 -18.82
CA VAL B 73 20.49 -0.65 -17.88
C VAL B 73 20.98 -2.08 -17.71
N LEU B 74 22.24 -2.20 -17.30
CA LEU B 74 22.83 -3.51 -17.07
C LEU B 74 22.27 -4.03 -15.76
N HIS B 75 22.01 -5.33 -15.71
CA HIS B 75 21.47 -5.93 -14.50
C HIS B 75 22.40 -5.77 -13.30
N GLN B 76 23.65 -6.14 -13.47
CA GLN B 76 24.60 -6.02 -12.38
C GLN B 76 24.82 -4.55 -12.04
N ASP B 77 24.77 -3.70 -13.06
CA ASP B 77 24.94 -2.27 -12.86
C ASP B 77 24.02 -1.86 -11.73
N TRP B 78 22.74 -1.79 -12.03
CA TRP B 78 21.72 -1.42 -11.08
C TRP B 78 21.81 -2.15 -9.73
N LEU B 79 22.11 -3.44 -9.76
CA LEU B 79 22.23 -4.21 -8.54
C LEU B 79 23.35 -3.71 -7.62
N ASN B 80 24.43 -3.24 -8.22
CA ASN B 80 25.57 -2.73 -7.47
C ASN B 80 25.35 -1.27 -7.01
N GLY B 81 24.09 -0.87 -6.98
CA GLY B 81 23.72 0.46 -6.51
C GLY B 81 24.16 1.71 -7.24
N LYS B 82 24.47 1.61 -8.52
CA LYS B 82 24.90 2.80 -9.24
C LYS B 82 23.76 3.79 -9.35
N GLU B 83 24.10 5.05 -9.55
CA GLU B 83 23.13 6.12 -9.68
C GLU B 83 22.62 6.38 -11.09
N TYR B 84 21.34 6.72 -11.19
CA TYR B 84 20.72 7.00 -12.48
C TYR B 84 20.04 8.35 -12.43
N LYS B 85 20.73 9.35 -12.98
CA LYS B 85 20.24 10.73 -13.01
C LYS B 85 19.56 11.06 -14.33
N CYS B 86 18.37 11.66 -14.24
CA CYS B 86 17.64 12.05 -15.43
C CYS B 86 17.32 13.55 -15.41
N LYS B 87 18.06 14.32 -16.20
CA LYS B 87 17.88 15.77 -16.31
C LYS B 87 16.83 16.10 -17.37
N VAL B 88 15.87 16.95 -17.02
CA VAL B 88 14.82 17.33 -17.96
C VAL B 88 14.91 18.80 -18.35
N SER B 89 15.67 19.07 -19.42
CA SER B 89 15.85 20.42 -19.93
C SER B 89 14.51 20.96 -20.44
N ASN B 90 14.53 22.13 -21.09
CA ASN B 90 13.30 22.72 -21.59
C ASN B 90 13.59 24.10 -22.17
N LYS B 91 12.72 24.57 -23.08
CA LYS B 91 12.88 25.88 -23.70
C LYS B 91 11.82 26.86 -23.17
N ALA B 92 10.98 26.37 -22.27
CA ALA B 92 9.91 27.17 -21.67
C ALA B 92 9.63 26.68 -20.25
N LEU B 93 10.69 26.40 -19.51
CA LEU B 93 10.58 25.92 -18.13
C LEU B 93 11.73 26.53 -17.32
N PRO B 94 11.39 27.37 -16.31
CA PRO B 94 12.32 28.05 -15.42
C PRO B 94 13.79 27.64 -15.50
N ALA B 95 14.09 26.37 -15.19
CA ALA B 95 15.46 25.90 -15.24
C ALA B 95 15.53 24.37 -15.38
N PRO B 96 16.76 23.81 -15.47
CA PRO B 96 17.03 22.38 -15.61
C PRO B 96 16.59 21.52 -14.42
N ILE B 97 15.46 20.85 -14.55
CA ILE B 97 14.94 19.98 -13.49
C ILE B 97 15.68 18.64 -13.53
N GLU B 98 15.89 18.04 -12.36
CA GLU B 98 16.60 16.76 -12.28
C GLU B 98 16.03 15.85 -11.19
N LYS B 99 16.40 14.58 -11.26
CA LYS B 99 15.99 13.57 -10.29
C LYS B 99 16.96 12.40 -10.42
N THR B 100 17.20 11.70 -9.31
CA THR B 100 18.10 10.56 -9.32
C THR B 100 17.54 9.40 -8.51
N ILE B 101 17.90 8.18 -8.91
CA ILE B 101 17.45 6.97 -8.24
C ILE B 101 18.57 5.96 -8.28
N SER B 102 18.46 4.96 -7.43
CA SER B 102 19.44 3.88 -7.36
C SER B 102 18.76 2.85 -6.50
N LYS B 103 19.36 1.69 -6.34
CA LYS B 103 18.73 0.65 -5.53
C LYS B 103 18.85 1.02 -4.07
N ALA B 104 17.97 0.46 -3.25
CA ALA B 104 18.01 0.68 -1.81
C ALA B 104 19.38 0.20 -1.31
N LYS B 105 19.97 0.95 -0.39
CA LYS B 105 21.26 0.59 0.14
C LYS B 105 21.16 -0.44 1.27
N GLY B 106 22.24 -1.17 1.48
CA GLY B 106 22.23 -2.17 2.53
C GLY B 106 22.46 -3.56 2.02
N GLN B 107 22.88 -4.41 2.93
CA GLN B 107 23.15 -5.80 2.64
C GLN B 107 21.86 -6.56 2.33
N PRO B 108 21.78 -7.21 1.16
CA PRO B 108 20.57 -7.96 0.80
C PRO B 108 20.39 -9.09 1.78
N ARG B 109 19.15 -9.33 2.20
CA ARG B 109 18.89 -10.41 3.15
C ARG B 109 18.02 -11.45 2.44
N GLU B 110 18.33 -12.72 2.67
CA GLU B 110 17.58 -13.76 2.00
C GLU B 110 16.20 -13.99 2.52
N PRO B 111 15.21 -14.01 1.61
CA PRO B 111 13.81 -14.22 1.97
C PRO B 111 13.59 -15.64 2.45
N GLN B 112 12.62 -15.80 3.32
CA GLN B 112 12.29 -17.10 3.83
C GLN B 112 10.89 -17.34 3.31
N VAL B 113 10.73 -18.42 2.56
CA VAL B 113 9.43 -18.74 2.00
C VAL B 113 8.77 -19.87 2.75
N TYR B 114 7.46 -19.73 2.96
CA TYR B 114 6.68 -20.74 3.64
C TYR B 114 5.33 -20.74 2.94
N THR B 115 4.77 -21.92 2.72
CA THR B 115 3.45 -22.02 2.10
C THR B 115 2.52 -22.43 3.23
N LEU B 116 1.29 -21.94 3.20
CA LEU B 116 0.31 -22.25 4.24
C LEU B 116 -0.97 -22.82 3.68
N PRO B 117 -1.47 -23.90 4.28
CA PRO B 117 -2.71 -24.48 3.76
C PRO B 117 -3.93 -23.66 4.15
N PRO B 118 -5.01 -23.76 3.38
CA PRO B 118 -6.22 -22.99 3.70
C PRO B 118 -6.77 -23.45 5.04
N SER B 119 -7.42 -22.55 5.76
CA SER B 119 -8.01 -22.91 7.05
C SER B 119 -9.17 -23.83 6.81
N ARG B 120 -9.30 -24.86 7.64
CA ARG B 120 -10.41 -25.80 7.49
C ARG B 120 -11.74 -25.03 7.52
N GLU B 121 -11.79 -24.00 8.34
CA GLU B 121 -13.01 -23.20 8.47
C GLU B 121 -13.29 -22.41 7.20
N GLU B 122 -12.71 -22.83 6.09
CA GLU B 122 -12.93 -22.17 4.81
C GLU B 122 -13.31 -23.27 3.83
N MET B 123 -13.11 -24.51 4.24
CA MET B 123 -13.44 -25.67 3.41
C MET B 123 -14.88 -25.59 2.97
N THR B 124 -15.74 -25.10 3.85
CA THR B 124 -17.16 -24.97 3.53
C THR B 124 -17.34 -24.20 2.22
N LYS B 125 -16.73 -23.02 2.15
CA LYS B 125 -16.86 -22.21 0.94
C LYS B 125 -16.51 -22.99 -0.33
N ASN B 126 -16.83 -22.40 -1.47
CA ASN B 126 -16.58 -23.01 -2.77
C ASN B 126 -15.13 -22.87 -3.21
N GLN B 127 -14.43 -21.87 -2.68
CA GLN B 127 -13.06 -21.65 -3.04
C GLN B 127 -12.21 -21.48 -1.78
N VAL B 128 -11.04 -22.12 -1.77
CA VAL B 128 -10.14 -22.02 -0.63
C VAL B 128 -8.96 -21.11 -0.93
N SER B 129 -8.20 -20.76 0.10
CA SER B 129 -7.07 -19.85 -0.04
C SER B 129 -5.69 -20.43 0.26
N LEU B 130 -4.86 -20.54 -0.78
CA LEU B 130 -3.50 -21.05 -0.61
C LEU B 130 -2.66 -19.83 -0.27
N THR B 131 -1.87 -19.95 0.81
CA THR B 131 -1.05 -18.84 1.28
C THR B 131 0.48 -19.01 1.27
N CYS B 132 1.16 -18.01 0.71
CA CYS B 132 2.62 -18.01 0.64
C CYS B 132 3.13 -16.82 1.41
N LEU B 133 3.88 -17.09 2.47
CA LEU B 133 4.44 -16.06 3.32
C LEU B 133 5.93 -15.90 3.07
N VAL B 134 6.32 -14.73 2.56
CA VAL B 134 7.71 -14.41 2.27
C VAL B 134 8.14 -13.33 3.24
N LYS B 135 9.07 -13.66 4.14
CA LYS B 135 9.53 -12.70 5.12
C LYS B 135 11.04 -12.66 5.31
N GLY B 136 11.48 -11.64 6.04
CA GLY B 136 12.89 -11.45 6.31
C GLY B 136 13.75 -11.11 5.11
N PHE B 137 13.29 -10.26 4.20
CA PHE B 137 14.14 -9.98 3.05
C PHE B 137 14.42 -8.51 2.80
N TYR B 138 15.62 -8.25 2.28
CA TYR B 138 16.08 -6.90 1.99
C TYR B 138 16.98 -6.90 0.76
N PRO B 139 16.82 -5.93 -0.15
CA PRO B 139 15.80 -4.87 -0.05
C PRO B 139 14.42 -5.43 -0.36
N SER B 140 13.43 -4.54 -0.52
CA SER B 140 12.06 -4.97 -0.75
C SER B 140 11.69 -5.35 -2.20
N ASP B 141 12.57 -5.04 -3.15
CA ASP B 141 12.34 -5.37 -4.55
C ASP B 141 12.19 -6.87 -4.68
N ILE B 142 10.98 -7.35 -4.96
CA ILE B 142 10.76 -8.77 -5.04
C ILE B 142 9.64 -9.13 -6.01
N ALA B 143 9.59 -10.40 -6.40
CA ALA B 143 8.57 -10.88 -7.34
C ALA B 143 8.04 -12.21 -6.89
N VAL B 144 6.72 -12.39 -7.01
CA VAL B 144 6.08 -13.65 -6.60
C VAL B 144 5.07 -14.18 -7.64
N GLU B 145 5.01 -15.51 -7.77
CA GLU B 145 4.10 -16.15 -8.71
C GLU B 145 3.70 -17.53 -8.22
N TRP B 146 2.55 -18.01 -8.66
CA TRP B 146 2.10 -19.35 -8.28
C TRP B 146 1.94 -20.17 -9.55
N GLU B 147 2.18 -21.47 -9.45
CA GLU B 147 2.05 -22.33 -10.61
C GLU B 147 1.64 -23.74 -10.22
N SER B 148 1.30 -24.52 -11.24
CA SER B 148 0.89 -25.90 -11.02
C SER B 148 1.26 -26.74 -12.24
N ASN B 149 1.92 -27.87 -12.00
CA ASN B 149 2.33 -28.77 -13.08
C ASN B 149 3.04 -27.99 -14.17
N GLY B 150 3.91 -27.06 -13.77
CA GLY B 150 4.63 -26.27 -14.74
C GLY B 150 3.81 -25.14 -15.33
N GLN B 151 2.50 -25.26 -15.29
CA GLN B 151 1.65 -24.19 -15.84
C GLN B 151 1.41 -23.12 -14.79
N PRO B 152 1.37 -21.86 -15.23
CA PRO B 152 1.15 -20.72 -14.33
C PRO B 152 -0.30 -20.37 -13.94
N GLU B 153 -0.60 -20.50 -12.65
CA GLU B 153 -1.92 -20.14 -12.13
C GLU B 153 -1.97 -18.61 -12.15
N ASN B 154 -3.14 -18.04 -12.38
CA ASN B 154 -3.22 -16.58 -12.41
C ASN B 154 -4.22 -15.95 -11.43
N ASN B 155 -4.98 -16.76 -10.70
CA ASN B 155 -5.93 -16.18 -9.77
C ASN B 155 -5.29 -15.98 -8.38
N TYR B 156 -4.47 -14.95 -8.28
CA TYR B 156 -3.78 -14.64 -7.04
C TYR B 156 -3.47 -13.16 -6.86
N LYS B 157 -3.28 -12.76 -5.62
CA LYS B 157 -2.97 -11.38 -5.30
C LYS B 157 -1.87 -11.44 -4.29
N THR B 158 -0.97 -10.46 -4.37
CA THR B 158 0.16 -10.37 -3.47
C THR B 158 0.14 -9.01 -2.79
N THR B 159 0.22 -8.99 -1.47
CA THR B 159 0.22 -7.71 -0.76
C THR B 159 1.58 -7.07 -1.01
N PRO B 160 1.66 -5.74 -0.97
CA PRO B 160 2.99 -5.18 -1.21
C PRO B 160 3.91 -5.46 -0.02
N PRO B 161 5.22 -5.18 -0.17
CA PRO B 161 6.21 -5.40 0.89
C PRO B 161 5.96 -4.55 2.11
N VAL B 162 6.08 -5.16 3.30
CA VAL B 162 5.88 -4.45 4.56
C VAL B 162 7.13 -4.51 5.44
N LEU B 163 7.59 -3.34 5.86
CA LEU B 163 8.76 -3.21 6.72
C LEU B 163 8.48 -3.89 8.05
N ASP B 164 9.35 -4.82 8.43
CA ASP B 164 9.22 -5.52 9.69
C ASP B 164 10.00 -4.74 10.76
N SER B 165 9.90 -5.14 12.02
CA SER B 165 10.62 -4.42 13.08
C SER B 165 12.13 -4.53 12.94
N ASP B 166 12.62 -5.66 12.44
CA ASP B 166 14.04 -5.89 12.28
C ASP B 166 14.62 -5.21 11.05
N GLY B 167 13.80 -4.45 10.33
CA GLY B 167 14.31 -3.75 9.17
C GLY B 167 14.21 -4.52 7.86
N SER B 168 13.76 -5.77 7.91
CA SER B 168 13.60 -6.54 6.68
C SER B 168 12.14 -6.43 6.26
N PHE B 169 11.81 -6.96 5.09
CA PHE B 169 10.45 -6.89 4.57
C PHE B 169 9.75 -8.24 4.49
N PHE B 170 8.43 -8.22 4.48
CA PHE B 170 7.63 -9.44 4.36
C PHE B 170 6.37 -9.13 3.56
N LEU B 171 5.69 -10.18 3.14
CA LEU B 171 4.49 -10.02 2.37
C LEU B 171 3.83 -11.38 2.29
N TYR B 172 2.58 -11.37 1.86
CA TYR B 172 1.82 -12.61 1.71
C TYR B 172 1.31 -12.67 0.29
N SER B 173 1.13 -13.89 -0.21
CA SER B 173 0.60 -14.07 -1.54
C SER B 173 -0.54 -15.04 -1.34
N LYS B 174 -1.71 -14.66 -1.88
CA LYS B 174 -2.90 -15.48 -1.75
C LYS B 174 -3.33 -16.02 -3.11
N LEU B 175 -3.44 -17.35 -3.21
CA LEU B 175 -3.88 -18.00 -4.45
C LEU B 175 -5.25 -18.60 -4.18
N THR B 176 -6.20 -18.32 -5.07
CA THR B 176 -7.56 -18.80 -4.91
C THR B 176 -7.87 -19.95 -5.86
N VAL B 177 -8.35 -21.06 -5.29
CA VAL B 177 -8.69 -22.24 -6.09
C VAL B 177 -10.00 -22.92 -5.67
N ASP B 178 -10.67 -23.54 -6.64
CA ASP B 178 -11.90 -24.27 -6.38
C ASP B 178 -11.56 -25.34 -5.36
N LYS B 179 -12.28 -25.38 -4.26
CA LYS B 179 -12.05 -26.36 -3.20
C LYS B 179 -11.78 -27.77 -3.75
N SER B 180 -12.51 -28.13 -4.81
CA SER B 180 -12.38 -29.45 -5.41
C SER B 180 -10.96 -29.82 -5.80
N ARG B 181 -10.29 -28.97 -6.56
CA ARG B 181 -8.92 -29.25 -6.99
C ARG B 181 -7.85 -29.16 -5.90
N TRP B 182 -8.28 -29.06 -4.65
CA TRP B 182 -7.36 -28.98 -3.52
C TRP B 182 -7.42 -30.28 -2.75
N GLN B 183 -8.56 -30.97 -2.84
CA GLN B 183 -8.74 -32.24 -2.15
C GLN B 183 -8.22 -33.35 -3.06
N GLN B 184 -8.32 -33.10 -4.36
CA GLN B 184 -7.84 -34.05 -5.37
C GLN B 184 -6.34 -34.32 -5.19
N GLY B 185 -5.70 -33.51 -4.33
CA GLY B 185 -4.28 -33.68 -4.08
C GLY B 185 -3.36 -32.97 -5.06
N ASN B 186 -3.92 -32.07 -5.86
CA ASN B 186 -3.11 -31.34 -6.83
C ASN B 186 -1.97 -30.61 -6.11
N VAL B 187 -0.94 -30.24 -6.86
CA VAL B 187 0.19 -29.53 -6.28
C VAL B 187 0.30 -28.12 -6.85
N PHE B 188 0.46 -27.15 -5.96
CA PHE B 188 0.61 -25.75 -6.35
C PHE B 188 1.91 -25.27 -5.74
N SER B 189 2.56 -24.32 -6.39
CA SER B 189 3.82 -23.82 -5.86
C SER B 189 3.95 -22.31 -5.93
N CYS B 190 4.66 -21.77 -4.94
CA CYS B 190 4.92 -20.34 -4.82
C CYS B 190 6.36 -20.08 -5.28
N SER B 191 6.55 -19.13 -6.18
CA SER B 191 7.88 -18.82 -6.69
C SER B 191 8.24 -17.41 -6.25
N VAL B 192 9.44 -17.26 -5.70
CA VAL B 192 9.91 -15.98 -5.24
C VAL B 192 11.22 -15.58 -5.89
N MET B 193 11.23 -14.43 -6.58
CA MET B 193 12.45 -13.97 -7.21
C MET B 193 13.01 -12.84 -6.36
N HIS B 194 14.28 -12.94 -6.04
CA HIS B 194 14.94 -11.93 -5.22
C HIS B 194 16.44 -12.01 -5.37
N GLU B 195 17.12 -10.87 -5.28
CA GLU B 195 18.55 -10.85 -5.48
C GLU B 195 19.33 -11.68 -4.47
N ALA B 196 18.80 -11.84 -3.26
CA ALA B 196 19.49 -12.60 -2.22
C ALA B 196 19.37 -14.13 -2.31
N LEU B 197 18.53 -14.63 -3.22
CA LEU B 197 18.39 -16.07 -3.36
C LEU B 197 19.46 -16.68 -4.27
N HIS B 198 19.85 -17.94 -4.03
CA HIS B 198 20.82 -18.55 -4.92
C HIS B 198 20.10 -18.67 -6.25
N ASN B 199 20.73 -18.18 -7.32
CA ASN B 199 20.12 -18.21 -8.64
C ASN B 199 18.86 -17.33 -8.70
N HIS B 200 18.81 -16.35 -7.81
CA HIS B 200 17.70 -15.39 -7.81
C HIS B 200 16.31 -15.99 -7.85
N TYR B 201 16.18 -17.25 -7.43
CA TYR B 201 14.88 -17.86 -7.52
C TYR B 201 14.78 -19.00 -6.53
N THR B 202 13.64 -19.08 -5.86
CA THR B 202 13.38 -20.14 -4.89
C THR B 202 11.96 -20.56 -5.19
N GLN B 203 11.58 -21.73 -4.74
CA GLN B 203 10.25 -22.26 -5.00
C GLN B 203 9.84 -23.21 -3.88
N LYS B 204 8.65 -23.00 -3.34
CA LYS B 204 8.13 -23.83 -2.26
C LYS B 204 6.77 -24.33 -2.68
N SER B 205 6.59 -25.64 -2.65
CA SER B 205 5.32 -26.25 -3.05
C SER B 205 4.28 -26.38 -1.95
N LEU B 206 3.01 -26.44 -2.36
CA LEU B 206 1.89 -26.55 -1.45
C LEU B 206 0.87 -27.57 -1.95
N SER B 207 0.47 -28.50 -1.08
CA SER B 207 -0.50 -29.53 -1.46
C SER B 207 -1.27 -30.05 -0.23
N LEU B 208 -2.20 -30.99 -0.46
CA LEU B 208 -3.04 -31.56 0.59
C LEU B 208 -2.34 -32.70 1.35
N SER B 209 -2.51 -32.76 2.66
CA SER B 209 -1.89 -33.83 3.46
C SER B 209 -2.21 -35.24 2.92
N PRO B 210 -3.49 -35.68 2.98
CA PRO B 210 -3.81 -37.02 2.47
C PRO B 210 -4.07 -37.01 0.96
C1 NAG C . 5.56 25.02 5.14
C2 NAG C . 5.30 24.22 3.86
C3 NAG C . 4.00 23.43 3.95
C4 NAG C . 4.04 22.55 5.20
C5 NAG C . 4.33 23.41 6.44
C6 NAG C . 4.50 22.58 7.70
C7 NAG C . 6.35 25.42 2.07
C8 NAG C . 6.20 26.35 0.88
N2 NAG C . 5.24 25.10 2.72
O3 NAG C . 3.86 22.65 2.78
O4 NAG C . 2.78 21.84 5.37
O5 NAG C . 5.57 24.13 6.26
O6 NAG C . 5.28 21.41 7.40
O7 NAG C . 7.45 24.98 2.40
C1 NAG C . 2.72 20.59 4.78
C2 NAG C . 1.72 19.71 5.50
C3 NAG C . 1.64 18.35 4.79
C4 NAG C . 1.30 18.54 3.32
C5 NAG C . 2.31 19.50 2.70
C6 NAG C . 2.08 19.83 1.25
C7 NAG C . 1.25 19.64 7.86
C8 NAG C . 1.77 19.44 9.27
N2 NAG C . 2.14 19.54 6.88
O3 NAG C . 0.68 17.52 5.41
O4 NAG C . 1.38 17.26 2.64
O5 NAG C . 2.31 20.75 3.42
O6 NAG C . 3.19 20.52 0.71
O7 NAG C . 0.05 19.88 7.68
C1 BMA C . 0.22 16.52 2.50
C2 BMA C . 0.22 15.85 1.12
C3 BMA C . -0.94 14.84 1.01
C4 BMA C . -0.95 13.88 2.17
C5 BMA C . -0.95 14.67 3.46
C6 BMA C . -0.93 13.77 4.68
O2 BMA C . 1.45 15.18 0.94
O3 BMA C . -0.83 14.08 -0.21
O4 BMA C . -2.11 13.08 2.10
O5 BMA C . 0.22 15.52 3.52
O6 BMA C . -0.73 14.58 5.84
C1 MAN C . -0.89 13.86 7.04
C2 MAN C . -1.05 14.88 8.17
C3 MAN C . 0.27 15.65 8.35
C4 MAN C . 1.42 14.67 8.63
C5 MAN C . 1.49 13.67 7.47
C6 MAN C . 2.54 12.60 7.66
O2 MAN C . -1.39 14.18 9.39
O3 MAN C . 0.16 16.59 9.40
O4 MAN C . 2.65 15.35 8.75
O5 MAN C . 0.21 13.00 7.31
O6 MAN C . 2.95 12.06 6.41
C1 NAG C . -2.72 13.78 9.50
C2 NAG C . -2.79 12.50 10.33
C3 NAG C . -4.24 12.13 10.64
C4 NAG C . -5.03 13.33 11.19
C5 NAG C . -4.86 14.54 10.27
C6 NAG C . -5.53 15.78 10.82
C7 NAG C . -0.96 10.99 10.02
C8 NAG C . -0.33 9.86 9.22
N2 NAG C . -2.15 11.43 9.62
O3 NAG C . -4.25 11.07 11.59
O4 NAG C . -6.44 12.98 11.26
O5 NAG C . -3.46 14.84 10.13
O6 NAG C . -4.66 16.51 11.66
O7 NAG C . -0.38 11.45 10.99
C1 GAL C . -7.04 12.98 12.52
C2 GAL C . -8.40 12.26 12.43
C3 GAL C . -9.04 12.14 13.82
C4 GAL C . -8.06 11.50 14.82
C5 GAL C . -6.72 12.26 14.79
C6 GAL C . -5.66 11.64 15.68
O2 GAL C . -9.28 12.97 11.56
O3 GAL C . -10.23 11.37 13.74
O4 GAL C . -7.84 10.13 14.49
O5 GAL C . -6.18 12.29 13.44
O6 GAL C . -5.32 12.50 16.77
C1 MAN C . -1.86 14.27 -1.11
C2 MAN C . -2.07 13.01 -1.94
C3 MAN C . -0.84 12.77 -2.83
C4 MAN C . -0.55 14.02 -3.68
C5 MAN C . -0.45 15.26 -2.80
C6 MAN C . -0.33 16.55 -3.58
O2 MAN C . -3.26 13.14 -2.74
O3 MAN C . -1.06 11.65 -3.67
O4 MAN C . 0.69 13.83 -4.37
O5 MAN C . -1.63 15.38 -1.98
O6 MAN C . 0.50 17.49 -2.89
C1 NAG C . -4.38 12.44 -2.25
C2 NAG C . -5.69 13.16 -2.61
C3 NAG C . -6.87 12.39 -2.01
C4 NAG C . -6.84 10.91 -2.45
C5 NAG C . -5.48 10.28 -2.15
C6 NAG C . -5.35 8.90 -2.75
C7 NAG C . -5.36 15.55 -2.89
C8 NAG C . -5.42 16.94 -2.27
N2 NAG C . -5.69 14.52 -2.11
O3 NAG C . -8.09 12.98 -2.42
O4 NAG C . -7.85 10.21 -1.75
O5 NAG C . -4.41 11.09 -2.71
O6 NAG C . -4.49 8.07 -1.98
O7 NAG C . -4.99 15.41 -4.07
C1 FUL C . 6.06 21.01 8.47
C2 FUL C . 7.49 21.56 8.29
O2 FUL C . 7.46 22.97 8.34
C3 FUL C . 8.41 21.02 9.41
O3 FUL C . 9.74 21.46 9.20
C4 FUL C . 8.36 19.50 9.40
O4 FUL C . 8.79 19.03 8.12
C5 FUL C . 6.92 19.07 9.64
C6 FUL C . 6.73 17.56 9.68
O5 FUL C . 6.09 19.59 8.58
C1 NAG D . -3.74 16.34 -16.12
C2 NAG D . -3.31 16.76 -14.70
C3 NAG D . -2.01 16.06 -14.27
C4 NAG D . -2.10 14.54 -14.49
C5 NAG D . -2.59 14.23 -15.91
C6 NAG D . -2.82 12.73 -16.16
C7 NAG D . -3.99 18.96 -13.97
C8 NAG D . -3.72 20.46 -13.95
N2 NAG D . -3.12 18.21 -14.64
O3 NAG D . -1.76 16.32 -12.89
O4 NAG D . -0.80 13.95 -14.29
O5 NAG D . -3.85 14.91 -16.18
O6 NAG D . -4.12 12.33 -15.69
O7 NAG D . -4.96 18.49 -13.37
C1 NAG D . -0.57 13.39 -13.04
C2 NAG D . 0.22 12.08 -13.19
C3 NAG D . 0.61 11.53 -11.81
C4 NAG D . 1.30 12.61 -10.95
C5 NAG D . 0.39 13.85 -10.90
C6 NAG D . 0.94 15.00 -10.09
C7 NAG D . -0.18 10.62 -15.07
C8 NAG D . -1.10 9.61 -15.73
N2 NAG D . -0.59 11.11 -13.89
O3 NAG D . 1.48 10.41 -11.96
O4 NAG D . 1.55 12.11 -9.62
O5 NAG D . 0.15 14.33 -12.24
O6 NAG D . 2.23 15.38 -10.54
O7 NAG D . 0.89 10.94 -15.60
C1 BMA D . 2.80 11.58 -9.33
C2 BMA D . 3.24 12.04 -7.93
C3 BMA D . 4.43 11.25 -7.37
C4 BMA D . 4.34 9.75 -7.67
C5 BMA D . 3.93 9.48 -9.11
C6 BMA D . 3.68 7.99 -9.32
O2 BMA D . 2.15 11.96 -7.03
O3 BMA D . 4.44 11.40 -5.94
O4 BMA D . 5.61 9.14 -7.43
O5 BMA D . 2.69 10.15 -9.38
O6 BMA D . 3.59 7.70 -10.73
C1 MAN D . 3.26 6.35 -10.95
C2 MAN D . 3.34 6.02 -12.45
C3 MAN D . 2.15 6.62 -13.22
C4 MAN D . 0.82 6.28 -12.55
C5 MAN D . 0.86 6.65 -11.06
C6 MAN D . -0.38 6.21 -10.33
O2 MAN D . 3.34 4.59 -12.64
O3 MAN D . 2.14 6.12 -14.55
O4 MAN D . -0.23 6.97 -13.19
O5 MAN D . 1.97 6.00 -10.42
O6 MAN D . -0.58 4.81 -10.47
C1 NAG D . 4.58 3.99 -12.89
C2 NAG D . 4.40 2.47 -12.85
C3 NAG D . 5.66 1.74 -13.33
C4 NAG D . 6.30 2.35 -14.59
C5 NAG D . 6.32 3.89 -14.52
C6 NAG D . 6.70 4.51 -15.85
C7 NAG D . 2.83 1.91 -11.10
C8 NAG D . 2.60 1.45 -9.67
N2 NAG D . 4.09 2.04 -11.50
O3 NAG D . 5.36 0.39 -13.59
O4 NAG D . 7.66 1.88 -14.67
O5 NAG D . 5.01 4.40 -14.19
O6 NAG D . 5.84 4.07 -16.89
O7 NAG D . 1.86 2.14 -11.83
C1 GAL D . 8.15 1.31 -15.84
C2 GAL D . 9.50 0.64 -15.53
C3 GAL D . 10.00 -0.22 -16.69
C4 GAL D . 8.90 -1.13 -17.22
C5 GAL D . 7.65 -0.31 -17.51
C6 GAL D . 6.49 -1.15 -18.05
O2 GAL D . 10.47 1.64 -15.22
O3 GAL D . 11.10 -1.02 -16.25
O4 GAL D . 8.59 -2.14 -16.26
O5 GAL D . 7.19 0.34 -16.31
O6 GAL D . 6.64 -1.40 -19.45
C1 MAN D . 5.44 12.21 -5.41
C2 MAN D . 5.57 11.91 -3.91
C3 MAN D . 4.37 12.43 -3.12
C4 MAN D . 4.13 13.90 -3.43
C5 MAN D . 4.00 14.11 -4.94
C6 MAN D . 3.86 15.57 -5.33
O2 MAN D . 6.79 12.47 -3.39
O3 MAN D . 4.59 12.26 -1.73
O4 MAN D . 2.95 14.33 -2.78
O5 MAN D . 5.19 13.61 -5.61
O6 MAN D . 3.87 15.75 -6.73
C1 NAG D . 7.75 11.50 -3.12
C2 NAG D . 9.14 12.13 -2.98
C3 NAG D . 10.18 11.00 -2.76
C4 NAG D . 9.75 9.97 -1.69
C5 NAG D . 8.26 9.57 -1.81
C6 NAG D . 7.76 8.81 -0.59
C7 NAG D . 8.94 14.07 -4.41
C8 NAG D . 9.34 14.77 -5.70
N2 NAG D . 9.46 12.87 -4.19
O3 NAG D . 11.42 11.59 -2.36
O4 NAG D . 10.55 8.80 -1.83
O5 NAG D . 7.44 10.74 -1.96
O6 NAG D . 6.36 8.98 -0.43
O7 NAG D . 8.16 14.61 -3.64
C1 FUL D . -4.08 11.10 -15.05
C2 FUL D . -5.31 10.26 -15.39
O2 FUL D . -5.08 8.90 -15.05
C3 FUL D . -6.55 10.78 -14.64
O3 FUL D . -6.93 12.06 -15.14
C4 FUL D . -6.28 10.86 -13.15
O4 FUL D . -7.40 11.45 -12.49
C5 FUL D . -5.02 11.70 -12.86
C6 FUL D . -5.17 13.19 -13.13
O5 FUL D . -3.88 11.21 -13.64
#